data_6FVI
#
_entry.id   6FVI
#
_cell.length_a   39.700
_cell.length_b   60.060
_cell.length_c   64.110
_cell.angle_alpha   90.000
_cell.angle_beta   90.000
_cell.angle_gamma   90.000
#
_symmetry.space_group_name_H-M   'P 2 21 21'
#
loop_
_entity.id
_entity.type
_entity.pdbx_description
1 polymer 'Centrosomal protein of 192 kDa'
2 non-polymer 'CHLORIDE ION'
3 water water
#
_entity_poly.entity_id   1
_entity_poly.type   'polypeptide(L)'
_entity_poly.pdbx_seq_one_letter_code
;GPH(MSE)SVSHLVKP(MSE)TKPPSTKVEIRNKSITFPTTEPGETSESCLELENHGTTDVKWHLSSLAPPYVKGVDESG
DVFRATYAAFRCSPISGLLESHGIQKVSITFLPRGRGDYAQFWDVECHPLKEPH(MSE)KHTLRFQLSGQSIEAENEPEN
ACL
;
_entity_poly.pdbx_strand_id   A
#
# COMPACT_ATOMS: atom_id res chain seq x y z
N PRO A 2 -48.90 -19.38 -10.84
CA PRO A 2 -47.53 -19.22 -11.31
C PRO A 2 -47.44 -17.98 -12.20
N HIS A 3 -46.40 -17.16 -12.01
CA HIS A 3 -46.30 -15.92 -12.79
C HIS A 3 -44.88 -15.40 -12.89
N SER A 5 -41.88 -12.86 -12.69
CA SER A 5 -41.56 -11.85 -11.69
C SER A 5 -41.40 -10.48 -12.33
N VAL A 6 -41.91 -9.48 -11.62
CA VAL A 6 -41.72 -8.09 -11.98
C VAL A 6 -40.84 -7.38 -10.93
N SER A 7 -40.12 -8.15 -10.11
CA SER A 7 -39.35 -7.58 -9.02
C SER A 7 -37.89 -7.32 -9.43
N HIS A 8 -37.19 -6.55 -8.59
CA HIS A 8 -35.76 -6.19 -8.75
C HIS A 8 -35.10 -6.10 -7.40
N LEU A 9 -33.80 -6.32 -7.38
N LEU A 9 -33.81 -6.40 -7.31
CA LEU A 9 -32.99 -6.03 -6.21
CA LEU A 9 -33.05 -6.12 -6.09
C LEU A 9 -32.96 -4.55 -5.96
C LEU A 9 -32.84 -4.62 -5.91
N VAL A 10 -33.10 -4.12 -4.72
CA VAL A 10 -32.97 -2.70 -4.45
C VAL A 10 -31.52 -2.24 -4.69
N LYS A 11 -31.40 -1.02 -5.11
CA LYS A 11 -30.09 -0.44 -5.41
C LYS A 11 -30.14 1.03 -4.98
N PRO A 12 -29.93 1.29 -3.69
CA PRO A 12 -30.05 2.67 -3.19
C PRO A 12 -28.87 3.57 -3.51
N THR A 14 -25.17 4.32 -6.06
CA THR A 14 -24.32 4.08 -7.22
C THR A 14 -22.92 4.55 -6.93
N LYS A 15 -21.96 3.90 -7.58
CA LYS A 15 -20.54 4.28 -7.49
C LYS A 15 -20.28 5.40 -8.45
N PRO A 16 -19.87 6.56 -7.94
CA PRO A 16 -19.71 7.72 -8.81
C PRO A 16 -18.33 7.75 -9.45
N PRO A 17 -18.11 8.70 -10.36
CA PRO A 17 -16.82 8.74 -11.08
C PRO A 17 -15.61 8.95 -10.18
N SER A 18 -15.80 9.51 -9.00
CA SER A 18 -14.75 9.69 -8.02
C SER A 18 -14.16 8.38 -7.51
N THR A 19 -14.82 7.25 -7.83
CA THR A 19 -14.29 5.94 -7.49
C THR A 19 -13.46 5.31 -8.59
N LYS A 20 -13.23 6.01 -9.70
N LYS A 20 -13.31 5.97 -9.73
CA LYS A 20 -12.55 5.45 -10.89
CA LYS A 20 -12.58 5.43 -10.86
C LYS A 20 -11.01 5.46 -10.84
C LYS A 20 -11.07 5.73 -10.79
N VAL A 21 -10.47 5.39 -9.66
CA VAL A 21 -9.03 5.39 -9.44
C VAL A 21 -8.71 4.01 -8.91
N GLU A 22 -7.76 3.34 -9.51
N GLU A 22 -7.72 3.36 -9.53
CA GLU A 22 -7.47 2.02 -9.06
CA GLU A 22 -7.41 1.93 -9.40
C GLU A 22 -6.06 1.85 -8.72
C GLU A 22 -5.98 1.69 -8.88
N ILE A 23 -5.86 0.82 -7.92
N ILE A 23 -5.77 0.69 -8.00
CA ILE A 23 -4.57 0.50 -7.50
CA ILE A 23 -4.43 0.03 -7.79
C ILE A 23 -4.22 -0.82 -8.11
C ILE A 23 -4.59 -1.42 -8.30
N ARG A 24 -3.02 -0.85 -8.66
N ARG A 24 -3.55 -1.99 -8.88
CA ARG A 24 -2.48 -2.05 -9.22
CA ARG A 24 -3.60 -3.33 -9.48
C ARG A 24 -1.25 -2.45 -8.43
C ARG A 24 -3.39 -4.52 -8.53
N ASN A 25 -1.29 -3.71 -8.06
N ASN A 25 -2.73 -4.31 -7.39
CA ASN A 25 -0.30 -4.35 -7.18
CA ASN A 25 -2.44 -5.37 -6.41
C ASN A 25 -0.61 -4.03 -5.72
C ASN A 25 -2.56 -4.75 -5.03
N LYS A 26 -1.78 -4.46 -5.29
N LYS A 26 -3.43 -5.30 -4.18
CA LYS A 26 -2.34 -4.15 -3.96
CA LYS A 26 -3.56 -4.82 -2.82
C LYS A 26 -1.83 -5.01 -2.81
C LYS A 26 -2.53 -5.40 -1.87
N SER A 27 -1.12 -6.09 -3.10
N SER A 27 -1.64 -6.29 -2.36
CA SER A 27 -0.64 -6.83 -1.98
CA SER A 27 -0.56 -6.91 -1.60
C SER A 27 0.79 -6.84 -2.26
C SER A 27 0.80 -7.11 -2.36
N ILE A 28 1.50 -5.98 -1.55
N ILE A 28 1.87 -6.63 -1.75
CA ILE A 28 2.84 -5.65 -1.98
CA ILE A 28 3.25 -6.81 -2.15
C ILE A 28 3.82 -6.43 -1.11
C ILE A 28 3.95 -7.56 -1.03
N THR A 29 4.57 -7.33 -1.74
N THR A 29 4.63 -8.64 -1.38
CA THR A 29 5.42 -8.28 -1.03
CA THR A 29 5.54 -9.33 -0.48
C THR A 29 6.89 -8.08 -1.37
C THR A 29 6.94 -9.14 -1.06
N PHE A 30 7.79 -8.24 -0.39
N PHE A 30 7.73 -8.35 -0.34
CA PHE A 30 9.23 -8.11 -0.64
CA PHE A 30 9.12 -8.09 -0.65
C PHE A 30 9.96 -9.48 -0.45
C PHE A 30 9.92 -9.37 -0.50
N PRO A 31 11.06 -9.71 -1.18
N PRO A 31 11.05 -9.36 -1.28
CA PRO A 31 11.83 -10.90 -0.92
CA PRO A 31 12.07 -10.36 -1.19
C PRO A 31 12.54 -10.80 0.45
C PRO A 31 12.59 -10.35 0.18
N THR A 32 13.07 -11.92 0.90
N THR A 32 12.89 -11.54 0.61
CA THR A 32 13.77 -12.00 2.18
CA THR A 32 13.49 -11.73 1.86
C THR A 32 14.96 -11.04 2.20
C THR A 32 14.80 -10.98 1.79
N THR A 33 15.02 -10.17 3.19
N THR A 33 15.01 -10.17 2.82
CA THR A 33 15.95 -9.08 3.17
CA THR A 33 16.22 -9.37 2.94
C THR A 33 16.77 -9.14 4.42
C THR A 33 16.99 -9.73 4.22
N GLU A 34 18.07 -8.92 4.23
N GLU A 34 18.22 -9.20 4.36
CA GLU A 34 19.02 -8.88 5.36
CA GLU A 34 18.94 -9.23 5.64
C GLU A 34 18.68 -7.71 6.36
C GLU A 34 18.74 -7.92 6.37
N PRO A 35 18.81 -7.94 7.70
CA PRO A 35 18.71 -6.73 8.53
C PRO A 35 19.66 -5.63 8.09
N GLY A 36 19.13 -4.42 8.02
CA GLY A 36 19.90 -3.28 7.56
C GLY A 36 20.04 -3.10 6.07
N GLU A 37 19.61 -4.06 5.25
N GLU A 37 19.47 -4.02 5.28
CA GLU A 37 19.60 -3.86 3.79
CA GLU A 37 19.51 -3.98 3.83
C GLU A 37 18.20 -3.47 3.38
C GLU A 37 18.13 -3.65 3.28
N THR A 38 18.07 -2.98 2.14
CA THR A 38 16.78 -2.58 1.59
CA THR A 38 16.82 -2.52 1.56
C THR A 38 16.38 -3.47 0.45
N SER A 39 15.07 -3.65 0.28
CA SER A 39 14.46 -4.23 -0.91
CA SER A 39 14.51 -4.20 -0.96
C SER A 39 13.41 -3.27 -1.44
N GLU A 40 13.18 -3.31 -2.76
N GLU A 40 13.14 -3.35 -2.72
CA GLU A 40 12.44 -2.28 -3.51
CA GLU A 40 12.26 -2.41 -3.35
C GLU A 40 11.36 -2.90 -4.40
C GLU A 40 11.09 -3.17 -3.94
N SER A 41 10.16 -2.31 -4.41
N SER A 41 9.94 -2.53 -3.91
CA SER A 41 9.10 -2.73 -5.32
CA SER A 41 8.81 -2.93 -4.72
C SER A 41 8.23 -1.52 -5.64
C SER A 41 8.10 -1.64 -5.09
N CYS A 42 7.08 -1.71 -6.26
N CYS A 42 6.92 -1.75 -5.67
CA CYS A 42 6.24 -0.58 -6.57
CA CYS A 42 6.20 -0.59 -6.07
C CYS A 42 4.81 -0.99 -6.75
C CYS A 42 4.74 -0.99 -6.29
N LEU A 43 3.93 0.01 -6.59
CA LEU A 43 2.53 -0.14 -7.01
C LEU A 43 2.22 1.06 -7.88
N GLU A 44 1.09 1.01 -8.56
CA GLU A 44 0.68 2.11 -9.37
C GLU A 44 -0.72 2.51 -9.01
N LEU A 45 -0.93 3.83 -9.00
N LEU A 45 -0.95 3.82 -9.13
CA LEU A 45 -2.27 4.41 -9.02
CA LEU A 45 -2.24 4.41 -8.95
C LEU A 45 -2.60 4.81 -10.43
C LEU A 45 -2.66 4.96 -10.32
N GLU A 46 -3.81 4.50 -10.85
CA GLU A 46 -4.23 4.89 -12.21
C GLU A 46 -5.58 5.56 -12.13
N ASN A 47 -5.66 6.76 -12.69
CA ASN A 47 -6.87 7.56 -12.72
C ASN A 47 -7.63 7.31 -14.01
N HIS A 48 -8.66 6.49 -13.92
CA HIS A 48 -9.51 6.20 -15.09
C HIS A 48 -10.59 7.22 -15.37
N GLY A 49 -10.73 8.22 -14.52
CA GLY A 49 -11.75 9.25 -14.70
C GLY A 49 -11.26 10.41 -15.50
N THR A 50 -12.15 11.38 -15.61
CA THR A 50 -11.96 12.55 -16.45
C THR A 50 -11.50 13.78 -15.66
N THR A 51 -11.36 13.65 -14.35
CA THR A 51 -10.99 14.76 -13.51
C THR A 51 -9.62 14.54 -12.90
N ASP A 52 -8.98 15.62 -12.50
CA ASP A 52 -7.76 15.58 -11.75
CA ASP A 52 -7.71 15.56 -11.75
C ASP A 52 -8.05 15.13 -10.31
N VAL A 53 -7.23 14.21 -9.76
CA VAL A 53 -7.49 13.62 -8.47
C VAL A 53 -6.39 13.93 -7.48
N LYS A 54 -6.76 14.42 -6.31
CA LYS A 54 -5.85 14.59 -5.18
CA LYS A 54 -5.86 14.61 -5.19
C LYS A 54 -5.77 13.29 -4.42
N TRP A 55 -4.57 12.81 -4.13
CA TRP A 55 -4.39 11.56 -3.43
C TRP A 55 -3.36 11.69 -2.34
N HIS A 56 -3.48 10.81 -1.33
CA HIS A 56 -2.57 10.77 -0.22
C HIS A 56 -2.54 9.37 0.33
N LEU A 57 -1.35 8.86 0.62
CA LEU A 57 -1.16 7.54 1.26
C LEU A 57 -0.90 7.67 2.69
N SER A 58 -1.48 6.78 3.47
CA SER A 58 -1.16 6.77 4.86
CA SER A 58 -1.36 6.80 4.92
C SER A 58 -1.19 5.38 5.41
N SER A 59 -0.35 5.16 6.39
CA SER A 59 -0.32 3.87 7.06
C SER A 59 -1.41 3.87 8.09
N LEU A 60 -1.99 2.71 8.29
N LEU A 60 -2.05 2.70 8.23
CA LEU A 60 -3.10 2.63 9.24
CA LEU A 60 -3.13 2.48 9.21
C LEU A 60 -2.67 2.41 10.68
C LEU A 60 -2.63 2.49 10.65
N ALA A 61 -1.47 1.85 10.85
CA ALA A 61 -0.84 1.62 12.16
C ALA A 61 0.59 1.26 11.84
N PRO A 62 1.46 1.27 12.85
CA PRO A 62 2.86 0.91 12.61
C PRO A 62 2.98 -0.53 12.12
N PRO A 63 4.11 -0.89 11.55
CA PRO A 63 4.28 -2.28 11.14
C PRO A 63 4.08 -3.23 12.28
N TYR A 64 3.50 -4.38 11.99
CA TYR A 64 3.38 -5.45 12.94
C TYR A 64 4.33 -6.56 12.54
N VAL A 65 4.98 -7.17 13.52
CA VAL A 65 6.13 -8.01 13.27
C VAL A 65 6.06 -9.27 14.10
N LYS A 66 6.27 -10.41 13.46
N LYS A 66 6.11 -10.41 13.38
CA LYS A 66 6.23 -11.68 14.15
CA LYS A 66 6.15 -11.79 13.92
C LYS A 66 7.59 -12.33 13.99
C LYS A 66 7.61 -12.27 14.02
N GLY A 67 7.88 -13.25 14.90
CA GLY A 67 9.14 -13.93 14.83
C GLY A 67 10.31 -13.11 15.28
N VAL A 68 10.08 -12.08 16.07
CA VAL A 68 11.17 -11.29 16.58
C VAL A 68 11.94 -12.02 17.69
N ASP A 69 11.22 -12.80 18.49
CA ASP A 69 11.77 -13.57 19.59
C ASP A 69 10.94 -14.84 19.70
N GLU A 70 11.11 -15.62 20.76
CA GLU A 70 10.38 -16.88 20.91
C GLU A 70 9.08 -16.75 21.73
N SER A 71 8.59 -15.54 21.94
CA SER A 71 7.40 -15.35 22.77
C SER A 71 6.08 -15.80 22.13
N GLY A 72 6.05 -15.87 20.81
CA GLY A 72 4.78 -16.12 20.13
C GLY A 72 3.89 -14.90 20.03
N ASP A 73 4.44 -13.72 20.32
CA ASP A 73 3.69 -12.49 20.24
C ASP A 73 4.06 -11.72 18.98
N VAL A 74 3.08 -11.03 18.44
CA VAL A 74 3.26 -10.04 17.39
C VAL A 74 3.47 -8.68 18.05
N PHE A 75 4.52 -7.99 17.63
CA PHE A 75 4.87 -6.68 18.16
C PHE A 75 4.58 -5.59 17.14
N ARG A 76 4.61 -4.35 17.60
CA ARG A 76 4.63 -3.20 16.69
C ARG A 76 6.04 -2.65 16.60
N ALA A 77 6.52 -2.41 15.38
CA ALA A 77 7.81 -1.77 15.23
C ALA A 77 7.72 -0.32 15.71
N THR A 78 8.84 0.21 16.20
CA THR A 78 8.91 1.60 16.68
C THR A 78 9.49 2.52 15.60
N TYR A 79 9.65 2.01 14.39
CA TYR A 79 10.22 2.74 13.28
C TYR A 79 9.47 2.32 12.01
N ALA A 80 9.69 3.10 10.96
CA ALA A 80 9.05 2.84 9.67
C ALA A 80 9.88 1.84 8.89
N ALA A 81 9.48 0.60 8.94
CA ALA A 81 10.12 -0.46 8.17
C ALA A 81 9.80 -0.36 6.68
N PHE A 82 8.69 0.25 6.34
CA PHE A 82 8.29 0.46 4.95
C PHE A 82 8.19 1.94 4.67
N ARG A 83 8.63 2.37 3.51
CA ARG A 83 8.48 3.76 3.08
CA ARG A 83 8.54 3.77 3.07
C ARG A 83 7.99 3.81 1.66
N CYS A 84 7.06 4.73 1.43
CA CYS A 84 6.49 4.93 0.11
C CYS A 84 6.89 6.30 -0.41
N SER A 85 7.07 6.41 -1.73
CA SER A 85 7.41 7.68 -2.37
CA SER A 85 7.29 7.72 -2.32
C SER A 85 6.78 7.73 -3.75
N PRO A 86 6.11 8.80 -4.13
CA PRO A 86 5.63 9.91 -3.28
C PRO A 86 4.50 9.44 -2.36
N ILE A 87 4.19 10.29 -1.39
CA ILE A 87 3.03 9.95 -0.54
CA ILE A 87 3.15 10.15 -0.35
C ILE A 87 1.83 10.83 -0.75
N SER A 88 1.92 11.85 -1.59
CA SER A 88 0.73 12.54 -2.04
CA SER A 88 0.80 12.73 -1.91
C SER A 88 0.99 13.23 -3.32
N GLY A 89 -0.07 13.64 -3.98
CA GLY A 89 0.08 14.25 -5.26
C GLY A 89 -1.23 14.60 -5.88
N LEU A 90 -1.14 15.12 -7.11
CA LEU A 90 -2.32 15.31 -8.01
CA LEU A 90 -2.28 15.34 -7.96
C LEU A 90 -2.07 14.45 -9.19
N LEU A 91 -3.05 13.61 -9.49
CA LEU A 91 -2.98 12.65 -10.58
C LEU A 91 -3.99 13.03 -11.63
N GLU A 92 -3.50 13.49 -12.77
CA GLU A 92 -4.36 13.96 -13.84
CA GLU A 92 -4.36 13.95 -13.87
C GLU A 92 -5.19 12.83 -14.43
N SER A 93 -6.28 13.21 -15.11
CA SER A 93 -7.14 12.29 -15.83
C SER A 93 -6.28 11.42 -16.73
N HIS A 94 -6.55 10.12 -16.64
CA HIS A 94 -5.88 9.12 -17.43
C HIS A 94 -4.40 8.98 -17.13
N GLY A 95 -3.98 9.50 -15.99
CA GLY A 95 -2.60 9.35 -15.57
C GLY A 95 -2.34 8.12 -14.70
N ILE A 96 -1.09 7.69 -14.76
CA ILE A 96 -0.57 6.60 -13.92
C ILE A 96 0.60 7.12 -13.11
N GLN A 97 0.51 6.96 -11.79
CA GLN A 97 1.55 7.33 -10.84
C GLN A 97 2.16 6.09 -10.26
N LYS A 98 3.47 5.94 -10.39
CA LYS A 98 4.17 4.86 -9.73
CA LYS A 98 4.23 4.87 -9.72
C LYS A 98 4.53 5.31 -8.30
N VAL A 99 4.23 4.43 -7.35
CA VAL A 99 4.63 4.65 -5.97
C VAL A 99 5.75 3.62 -5.71
N SER A 100 6.94 4.14 -5.43
CA SER A 100 8.10 3.32 -5.12
C SER A 100 8.09 3.00 -3.63
N ILE A 101 8.31 1.74 -3.28
CA ILE A 101 8.16 1.31 -1.90
C ILE A 101 9.41 0.57 -1.53
N THR A 102 9.95 0.90 -0.34
CA THR A 102 11.14 0.28 0.18
CA THR A 102 11.14 0.27 0.21
C THR A 102 10.81 -0.43 1.50
N PHE A 103 11.49 -1.55 1.71
CA PHE A 103 11.46 -2.33 2.94
C PHE A 103 12.87 -2.28 3.50
N LEU A 104 12.98 -1.77 4.72
CA LEU A 104 14.28 -1.61 5.41
C LEU A 104 14.11 -2.14 6.84
N PRO A 105 14.19 -3.47 7.00
CA PRO A 105 14.12 -4.05 8.33
C PRO A 105 15.39 -3.72 9.11
N ARG A 106 15.24 -3.75 10.44
N ARG A 106 15.28 -3.14 10.31
CA ARG A 106 16.40 -3.65 11.33
CA ARG A 106 16.48 -2.82 11.12
C ARG A 106 16.76 -4.94 12.04
C ARG A 106 17.03 -4.04 11.87
N GLY A 107 15.89 -5.94 11.98
N GLY A 107 16.27 -5.12 11.85
CA GLY A 107 16.14 -7.21 12.67
CA GLY A 107 16.57 -6.35 12.56
C GLY A 107 15.29 -8.34 12.13
C GLY A 107 15.75 -7.50 11.99
N ARG A 108 15.58 -9.56 12.56
N ARG A 108 15.99 -8.71 12.48
CA ARG A 108 14.87 -10.72 12.15
CA ARG A 108 15.25 -9.91 12.03
C ARG A 108 13.46 -10.53 12.54
C ARG A 108 13.71 -9.89 12.36
N GLY A 109 12.65 -10.71 11.54
N GLY A 109 12.83 -10.61 11.58
CA GLY A 109 11.28 -10.72 11.79
CA GLY A 109 11.37 -10.71 11.81
C GLY A 109 10.56 -10.78 10.49
C GLY A 109 10.56 -10.79 10.51
N ASP A 110 9.27 -11.05 10.62
CA ASP A 110 8.37 -11.07 9.48
C ASP A 110 7.41 -9.91 9.66
N TYR A 111 7.57 -8.92 8.79
CA TYR A 111 6.96 -7.60 8.91
C TYR A 111 5.75 -7.45 7.99
N ALA A 112 4.77 -6.68 8.42
CA ALA A 112 3.68 -6.33 7.53
C ALA A 112 3.08 -5.03 8.00
N GLN A 113 2.30 -4.40 7.11
CA GLN A 113 1.68 -3.13 7.44
C GLN A 113 0.54 -2.87 6.46
N PHE A 114 -0.55 -2.34 7.00
CA PHE A 114 -1.69 -1.91 6.20
C PHE A 114 -1.62 -0.43 5.91
N TRP A 115 -1.98 -0.07 4.68
CA TRP A 115 -1.98 1.30 4.19
C TRP A 115 -3.27 1.58 3.44
N ASP A 116 -3.59 2.85 3.33
CA ASP A 116 -4.58 3.21 2.37
CA ASP A 116 -4.74 3.37 2.59
C ASP A 116 -4.22 4.41 1.57
N VAL A 117 -4.86 4.50 0.44
CA VAL A 117 -4.83 5.68 -0.41
C VAL A 117 -6.17 6.35 -0.28
N GLU A 118 -6.13 7.63 0.00
N GLU A 118 -6.21 7.62 0.11
CA GLU A 118 -7.31 8.45 0.09
CA GLU A 118 -7.46 8.40 0.05
C GLU A 118 -7.31 9.34 -1.11
C GLU A 118 -7.35 9.40 -1.07
N CYS A 119 -8.40 9.41 -1.88
CA CYS A 119 -8.39 10.36 -2.94
CA CYS A 119 -8.48 10.11 -3.14
C CYS A 119 -9.74 10.93 -3.21
N HIS A 120 -9.73 12.03 -3.95
CA HIS A 120 -10.94 12.70 -4.34
C HIS A 120 -10.64 13.56 -5.55
N PRO A 121 -11.65 13.88 -6.35
CA PRO A 121 -11.43 14.84 -7.42
C PRO A 121 -11.04 16.18 -6.82
N LEU A 122 -10.07 16.86 -7.42
CA LEU A 122 -9.56 18.10 -6.90
C LEU A 122 -10.67 19.06 -6.59
N LYS A 123 -11.65 19.17 -7.49
CA LYS A 123 -12.74 20.14 -7.33
C LYS A 123 -13.91 19.65 -6.49
N GLU A 124 -13.85 18.40 -6.00
CA GLU A 124 -14.96 17.87 -5.20
CA GLU A 124 -14.95 17.78 -5.25
C GLU A 124 -14.37 17.10 -4.03
N PRO A 125 -13.89 17.85 -3.05
CA PRO A 125 -13.21 17.21 -1.94
C PRO A 125 -14.08 16.30 -1.11
N HIS A 126 -15.39 16.47 -1.20
CA HIS A 126 -16.33 15.63 -0.48
C HIS A 126 -16.49 14.24 -1.10
N LYS A 128 -15.01 11.34 -1.70
CA LYS A 128 -13.84 10.58 -1.29
C LYS A 128 -13.92 9.14 -1.73
N HIS A 129 -12.74 8.58 -1.93
CA HIS A 129 -12.56 7.21 -2.38
C HIS A 129 -11.35 6.67 -1.65
N THR A 130 -11.44 5.44 -1.17
CA THR A 130 -10.35 4.80 -0.44
C THR A 130 -9.93 3.53 -1.12
N LEU A 131 -8.62 3.37 -1.27
N LEU A 131 -8.62 3.23 -1.06
CA LEU A 131 -8.02 2.17 -1.83
CA LEU A 131 -8.08 1.92 -1.48
C LEU A 131 -7.14 1.66 -0.70
C LEU A 131 -7.06 1.30 -0.52
N ARG A 132 -7.13 0.35 -0.50
N ARG A 132 -7.36 0.11 -0.02
CA ARG A 132 -6.32 -0.27 0.55
CA ARG A 132 -6.46 -0.57 0.87
C ARG A 132 -5.28 -1.18 -0.04
C ARG A 132 -5.35 -1.27 0.06
N PHE A 133 -4.09 -1.16 0.59
CA PHE A 133 -3.01 -2.07 0.18
C PHE A 133 -2.27 -2.56 1.42
N GLN A 134 -1.53 -3.65 1.27
N GLN A 134 -1.54 -3.65 1.25
N GLN A 134 -1.56 -3.67 1.30
CA GLN A 134 -0.76 -4.22 2.36
CA GLN A 134 -0.77 -4.26 2.31
CA GLN A 134 -0.76 -4.23 2.39
C GLN A 134 0.63 -4.52 1.82
C GLN A 134 0.64 -4.52 1.81
C GLN A 134 0.62 -4.53 1.84
N LEU A 135 1.58 -4.33 2.73
CA LEU A 135 2.98 -4.58 2.49
C LEU A 135 3.44 -5.67 3.45
N SER A 136 4.34 -6.53 2.98
CA SER A 136 4.94 -7.50 3.88
CA SER A 136 4.89 -7.56 3.84
CA SER A 136 4.86 -7.65 3.77
C SER A 136 6.28 -7.95 3.36
N GLY A 137 7.12 -8.38 4.30
CA GLY A 137 8.42 -8.91 3.95
C GLY A 137 9.08 -9.47 5.17
N GLN A 138 9.98 -10.43 4.97
CA GLN A 138 10.71 -11.00 6.10
C GLN A 138 12.17 -10.66 6.01
N SER A 139 12.77 -10.64 7.20
CA SER A 139 14.17 -10.35 7.39
C SER A 139 14.80 -11.52 8.14
N ILE A 140 15.80 -12.11 7.51
CA ILE A 140 16.57 -13.23 8.06
CA ILE A 140 16.55 -13.25 8.07
C ILE A 140 18.06 -12.85 7.89
N GLU A 141 18.94 -13.10 8.85
N GLU A 141 18.91 -13.11 8.86
CA GLU A 141 20.36 -12.80 8.61
CA GLU A 141 20.34 -12.88 8.71
C GLU A 141 20.94 -13.90 7.77
C GLU A 141 21.00 -13.94 7.84
N ALA A 142 21.88 -13.56 6.90
CA ALA A 142 22.61 -14.58 6.12
C ALA A 142 23.55 -15.29 7.09
N GLU A 143 23.64 -16.61 6.98
CA GLU A 143 24.54 -17.39 7.88
C GLU A 143 26.01 -17.32 7.48
#